data_4KSH
#
_entry.id   4KSH
#
_cell.length_a   54.830
_cell.length_b   58.340
_cell.length_c   65.880
_cell.angle_alpha   90.00
_cell.angle_beta   90.00
_cell.angle_gamma   90.00
#
_symmetry.space_group_name_H-M   'P 21 21 21'
#
loop_
_entity.id
_entity.type
_entity.pdbx_description
1 polymer 'DNA gyrase subunit B'
2 non-polymer 7-({4-[(3R)-3-aminopyrrolidin-1-yl]-5-chloro-6-ethyl-7H-pyrrolo[2,3-d]pyrimidin-2-yl}sulfanyl)-1,5-naphthyridin-1(4H)-ol
3 non-polymer GLYCEROL
4 water water
#
_entity_poly.entity_id   1
_entity_poly.type   'polypeptide(L)'
_entity_poly.pdbx_seq_one_letter_code
;GLEAVRKRPGMYIGSTSGEGLHHLVWEIVDNSIDEALAGFAKSIQVIIEPDDSITVIDDGRGIPVGIQAKTGRPAVETVF
TVLHAGGKFGGGGYKVSGGLHGVGSSVVNALSTSLDVRVYKDGKVYYQEYRRGAVVDDLKVIEETDRHGTTVHFIPDPEI
FTETTVYDFDKLATRVRELAFLNRGLHISIEDRREGQEDKKEYHYEGLEHHHHHH
;
_entity_poly.pdbx_strand_id   A
#
# COMPACT_ATOMS: atom_id res chain seq x y z
N GLY A 1 -13.45 -9.53 13.88
CA GLY A 1 -12.49 -9.27 12.76
C GLY A 1 -11.74 -7.94 12.86
N LEU A 2 -11.82 -7.16 11.79
CA LEU A 2 -11.11 -5.88 11.70
C LEU A 2 -11.62 -4.83 12.68
N GLU A 3 -12.83 -5.01 13.18
CA GLU A 3 -13.33 -4.09 14.20
C GLU A 3 -12.41 -4.08 15.42
N ALA A 4 -11.80 -5.24 15.73
CA ALA A 4 -10.86 -5.34 16.85
C ALA A 4 -9.62 -4.47 16.63
N VAL A 5 -9.18 -4.39 15.36
CA VAL A 5 -8.04 -3.55 14.97
C VAL A 5 -8.34 -2.07 15.21
N ARG A 6 -9.54 -1.63 14.85
CA ARG A 6 -9.94 -0.23 15.06
C ARG A 6 -10.06 0.13 16.53
N LYS A 7 -10.36 -0.84 17.38
CA LYS A 7 -10.54 -0.58 18.81
C LYS A 7 -9.24 -0.75 19.58
N ARG A 8 -8.40 -1.69 19.16
CA ARG A 8 -7.07 -1.80 19.74
C ARG A 8 -5.93 -1.64 18.73
N PRO A 9 -5.83 -0.46 18.08
CA PRO A 9 -4.77 -0.28 17.06
C PRO A 9 -3.35 -0.46 17.61
N GLY A 10 -3.14 -0.11 18.88
CA GLY A 10 -1.84 -0.31 19.52
C GLY A 10 -1.31 -1.74 19.48
N MET A 11 -2.20 -2.74 19.47
CA MET A 11 -1.80 -4.14 19.40
C MET A 11 -1.37 -4.58 18.00
N TYR A 12 -1.76 -3.81 16.98
CA TYR A 12 -1.50 -4.18 15.59
C TYR A 12 -0.41 -3.35 14.90
N ILE A 13 -0.31 -2.09 15.27
CA ILE A 13 0.68 -1.22 14.67
C ILE A 13 1.68 -0.61 15.65
N GLY A 14 1.58 -0.99 16.90
CA GLY A 14 2.55 -0.62 17.89
C GLY A 14 2.32 0.72 18.54
N SER A 15 1.80 1.66 17.78
CA SER A 15 1.59 3.02 18.26
C SER A 15 0.60 3.75 17.39
N THR A 16 -0.16 4.64 17.99
CA THR A 16 -1.08 5.47 17.21
C THR A 16 -0.51 6.87 17.00
N SER A 17 0.74 7.08 17.41
CA SER A 17 1.44 8.34 17.20
C SER A 17 1.92 8.42 15.74
N GLY A 18 2.74 9.43 15.44
CA GLY A 18 3.43 9.51 14.13
C GLY A 18 4.15 8.23 13.73
N GLU A 19 4.69 7.49 14.71
CA GLU A 19 5.35 6.22 14.39
C GLU A 19 4.40 5.21 13.74
N GLY A 20 3.20 5.05 14.31
CA GLY A 20 2.17 4.19 13.72
C GLY A 20 1.70 4.66 12.36
N LEU A 21 1.58 5.98 12.20
CA LEU A 21 1.17 6.58 10.94
C LEU A 21 2.12 6.15 9.80
N HIS A 22 3.42 6.24 10.06
CA HIS A 22 4.46 5.83 9.13
C HIS A 22 4.49 4.34 8.94
N HIS A 23 4.21 3.59 10.00
CA HIS A 23 4.14 2.13 9.90
C HIS A 23 3.15 1.65 8.87
N LEU A 24 2.06 2.39 8.69
CA LEU A 24 1.07 2.02 7.66
C LEU A 24 1.68 1.93 6.27
N VAL A 25 2.54 2.90 5.95
CA VAL A 25 3.23 2.89 4.66
C VAL A 25 4.03 1.59 4.49
N TRP A 26 4.79 1.23 5.52
CA TRP A 26 5.62 0.01 5.42
C TRP A 26 4.85 -1.25 5.29
N GLU A 27 3.68 -1.31 5.94
CA GLU A 27 2.82 -2.48 5.82
C GLU A 27 2.39 -2.70 4.36
N ILE A 28 2.12 -1.62 3.62
CA ILE A 28 1.76 -1.77 2.20
C ILE A 28 3.01 -2.01 1.35
N VAL A 29 4.03 -1.18 1.55
CA VAL A 29 5.30 -1.30 0.80
C VAL A 29 5.91 -2.70 0.93
N ASP A 30 5.86 -3.25 2.13
CA ASP A 30 6.41 -4.61 2.34
C ASP A 30 5.79 -5.65 1.43
N ASN A 31 4.48 -5.52 1.17
CA ASN A 31 3.81 -6.41 0.23
C ASN A 31 4.32 -6.26 -1.21
N SER A 32 4.63 -5.02 -1.61
CA SER A 32 5.22 -4.78 -2.93
C SER A 32 6.64 -5.35 -3.01
N ILE A 33 7.39 -5.19 -1.92
CA ILE A 33 8.73 -5.76 -1.79
CA ILE A 33 8.74 -5.76 -1.83
C ILE A 33 8.68 -7.28 -1.94
N ASP A 34 7.67 -7.91 -1.34
CA ASP A 34 7.52 -9.37 -1.45
C ASP A 34 7.33 -9.79 -2.90
N GLU A 35 6.66 -8.96 -3.67
CA GLU A 35 6.38 -9.25 -5.07
C GLU A 35 7.61 -8.97 -5.95
N ALA A 36 8.47 -8.05 -5.50
CA ALA A 36 9.79 -7.88 -6.11
C ALA A 36 10.68 -9.09 -5.79
N LEU A 37 10.61 -9.56 -4.55
CA LEU A 37 11.31 -10.80 -4.16
C LEU A 37 10.88 -12.03 -4.95
N ALA A 38 9.59 -12.14 -5.24
CA ALA A 38 9.05 -13.22 -6.06
C ALA A 38 9.61 -13.15 -7.47
N GLY A 39 10.08 -11.96 -7.86
CA GLY A 39 10.77 -11.74 -9.14
C GLY A 39 10.01 -10.98 -10.20
N PHE A 40 8.82 -10.49 -9.83
CA PHE A 40 7.91 -9.87 -10.79
C PHE A 40 7.91 -8.34 -10.72
N ALA A 41 7.90 -7.78 -9.53
CA ALA A 41 7.92 -6.31 -9.40
C ALA A 41 9.34 -5.79 -9.62
N LYS A 42 9.46 -4.71 -10.40
CA LYS A 42 10.77 -4.11 -10.69
C LYS A 42 10.85 -2.68 -10.15
N SER A 43 9.69 -2.05 -10.00
CA SER A 43 9.67 -0.68 -9.51
C SER A 43 8.49 -0.40 -8.60
N ILE A 44 8.76 0.35 -7.54
CA ILE A 44 7.75 0.74 -6.56
C ILE A 44 7.79 2.26 -6.42
N GLN A 45 6.61 2.88 -6.45
CA GLN A 45 6.50 4.31 -6.16
C GLN A 45 5.69 4.49 -4.89
N VAL A 46 6.22 5.32 -4.00
CA VAL A 46 5.48 5.78 -2.82
C VAL A 46 5.22 7.26 -2.98
N ILE A 47 3.96 7.67 -2.84
CA ILE A 47 3.58 9.06 -3.03
C ILE A 47 2.83 9.59 -1.81
N ILE A 48 3.32 10.70 -1.26
CA ILE A 48 2.54 11.45 -0.26
C ILE A 48 1.70 12.42 -1.09
N GLU A 49 0.39 12.17 -1.11
CA GLU A 49 -0.55 13.02 -1.84
C GLU A 49 -0.74 14.38 -1.14
N PRO A 50 -1.34 15.36 -1.85
CA PRO A 50 -1.44 16.71 -1.25
C PRO A 50 -2.22 16.78 0.07
N ASP A 51 -3.10 15.80 0.30
CA ASP A 51 -3.93 15.71 1.50
C ASP A 51 -3.36 14.77 2.57
N ASP A 52 -2.06 14.45 2.51
CA ASP A 52 -1.41 13.50 3.44
C ASP A 52 -1.91 12.05 3.30
N SER A 53 -2.65 11.76 2.23
CA SER A 53 -2.92 10.35 1.90
C SER A 53 -1.71 9.74 1.21
N ILE A 54 -1.71 8.41 1.08
CA ILE A 54 -0.56 7.68 0.54
C ILE A 54 -0.97 6.83 -0.65
N THR A 55 -0.19 6.89 -1.72
CA THR A 55 -0.36 5.97 -2.86
C THR A 55 0.90 5.13 -3.01
N VAL A 56 0.72 3.80 -3.12
CA VAL A 56 1.83 2.88 -3.40
C VAL A 56 1.51 2.17 -4.71
N ILE A 57 2.43 2.27 -5.67
CA ILE A 57 2.25 1.72 -7.01
C ILE A 57 3.39 0.72 -7.25
N ASP A 58 3.05 -0.52 -7.61
CA ASP A 58 4.07 -1.45 -8.07
C ASP A 58 3.71 -2.00 -9.45
N ASP A 59 4.66 -2.66 -10.07
CA ASP A 59 4.45 -3.23 -11.38
C ASP A 59 4.62 -4.76 -11.36
N GLY A 60 4.19 -5.37 -10.27
CA GLY A 60 4.20 -6.81 -10.17
C GLY A 60 3.05 -7.44 -10.94
N ARG A 61 2.67 -8.65 -10.57
CA ARG A 61 1.66 -9.39 -11.28
C ARG A 61 0.25 -8.83 -11.08
N GLY A 62 0.06 -8.14 -9.95
CA GLY A 62 -1.30 -7.76 -9.53
C GLY A 62 -1.86 -8.78 -8.55
N ILE A 63 -2.40 -8.31 -7.43
CA ILE A 63 -3.02 -9.22 -6.45
C ILE A 63 -4.03 -10.11 -7.16
N PRO A 64 -4.04 -11.43 -6.86
CA PRO A 64 -5.04 -12.31 -7.46
C PRO A 64 -6.47 -11.79 -7.27
N VAL A 65 -7.27 -11.87 -8.32
CA VAL A 65 -8.65 -11.40 -8.29
C VAL A 65 -9.65 -12.56 -8.34
N GLY A 66 -9.15 -13.77 -8.57
CA GLY A 66 -10.16 -14.86 -8.61
C GLY A 66 -10.90 -15.21 -7.31
N ILE A 67 -12.12 -15.73 -7.48
CA ILE A 67 -12.90 -16.22 -6.35
C ILE A 67 -12.21 -17.39 -5.67
N GLN A 68 -12.06 -17.31 -4.35
CA GLN A 68 -11.53 -18.41 -3.55
C GLN A 68 -12.67 -19.34 -3.12
N ALA A 69 -12.46 -20.64 -3.27
CA ALA A 69 -13.46 -21.63 -2.87
C ALA A 69 -13.87 -21.49 -1.40
N LYS A 70 -12.88 -21.26 -0.57
CA LYS A 70 -13.04 -21.18 0.87
C LYS A 70 -13.91 -20.03 1.34
N THR A 71 -13.79 -18.90 0.67
CA THR A 71 -14.45 -17.66 1.09
C THR A 71 -15.63 -17.25 0.22
N GLY A 72 -15.62 -17.70 -1.04
CA GLY A 72 -16.60 -17.26 -2.03
C GLY A 72 -16.40 -15.82 -2.48
N ARG A 73 -15.26 -15.24 -2.12
CA ARG A 73 -14.95 -13.84 -2.42
C ARG A 73 -13.65 -13.74 -3.24
N PRO A 74 -13.48 -12.65 -4.03
CA PRO A 74 -12.21 -12.48 -4.76
C PRO A 74 -11.03 -12.43 -3.81
N ALA A 75 -9.90 -13.03 -4.19
CA ALA A 75 -8.72 -13.07 -3.30
C ALA A 75 -8.32 -11.67 -2.84
N VAL A 76 -8.33 -10.71 -3.77
CA VAL A 76 -7.97 -9.32 -3.42
C VAL A 76 -8.84 -8.72 -2.30
N GLU A 77 -10.14 -9.00 -2.32
CA GLU A 77 -11.02 -8.50 -1.24
C GLU A 77 -10.59 -9.08 0.11
N THR A 78 -10.34 -10.38 0.14
CA THR A 78 -9.89 -11.05 1.37
C THR A 78 -8.61 -10.43 1.93
N VAL A 79 -7.69 -10.06 1.05
CA VAL A 79 -6.42 -9.43 1.45
C VAL A 79 -6.68 -8.21 2.33
N PHE A 80 -7.68 -7.41 1.95
CA PHE A 80 -7.96 -6.16 2.63
C PHE A 80 -9.01 -6.23 3.75
N THR A 81 -9.76 -7.32 3.83
CA THR A 81 -10.91 -7.37 4.74
C THR A 81 -10.81 -8.42 5.85
N VAL A 82 -9.82 -9.31 5.74
CA VAL A 82 -9.66 -10.40 6.68
C VAL A 82 -8.30 -10.27 7.38
N LEU A 83 -8.34 -10.31 8.70
CA LEU A 83 -7.14 -10.21 9.53
C LEU A 83 -6.27 -11.45 9.37
N HIS A 84 -5.00 -11.23 9.01
CA HIS A 84 -4.04 -12.31 8.81
C HIS A 84 -2.87 -12.13 9.74
N GLY A 102 4.15 -8.83 5.26
CA GLY A 102 3.34 -9.26 4.13
C GLY A 102 1.93 -9.74 4.46
N VAL A 103 1.46 -9.43 5.67
CA VAL A 103 0.09 -9.81 6.12
C VAL A 103 -0.68 -8.62 6.72
N GLY A 104 -0.17 -7.42 6.50
CA GLY A 104 -0.71 -6.24 7.15
C GLY A 104 -1.71 -5.39 6.38
N SER A 105 -2.04 -5.78 5.15
CA SER A 105 -2.90 -4.92 4.31
C SER A 105 -4.25 -4.61 4.97
N SER A 106 -4.85 -5.62 5.61
CA SER A 106 -6.17 -5.43 6.20
C SER A 106 -6.10 -4.52 7.43
N VAL A 107 -4.94 -4.51 8.10
CA VAL A 107 -4.70 -3.58 9.22
C VAL A 107 -4.68 -2.14 8.72
N VAL A 108 -3.96 -1.89 7.63
CA VAL A 108 -3.93 -0.55 7.02
C VAL A 108 -5.36 -0.15 6.61
N ASN A 109 -6.07 -1.08 5.97
CA ASN A 109 -7.45 -0.83 5.62
C ASN A 109 -8.31 -0.40 6.82
N ALA A 110 -8.28 -1.21 7.87
CA ALA A 110 -9.05 -0.93 9.09
C ALA A 110 -8.76 0.45 9.68
N LEU A 111 -7.50 0.89 9.62
CA LEU A 111 -7.09 2.16 10.25
C LEU A 111 -7.08 3.35 9.29
N SER A 112 -7.75 3.19 8.14
CA SER A 112 -7.90 4.25 7.15
C SER A 112 -9.37 4.68 7.00
N THR A 113 -9.59 5.98 6.80
CA THR A 113 -10.95 6.45 6.46
C THR A 113 -11.42 5.78 5.18
N SER A 114 -10.47 5.57 4.26
CA SER A 114 -10.75 5.03 2.95
C SER A 114 -9.49 4.39 2.40
N LEU A 115 -9.69 3.28 1.69
CA LEU A 115 -8.60 2.66 0.97
C LEU A 115 -9.18 2.19 -0.36
N ASP A 116 -8.48 2.46 -1.45
CA ASP A 116 -8.88 1.94 -2.76
C ASP A 116 -7.74 1.14 -3.34
N VAL A 117 -8.09 0.03 -3.97
CA VAL A 117 -7.10 -0.81 -4.64
C VAL A 117 -7.47 -0.94 -6.12
N ARG A 118 -6.46 -0.82 -6.97
CA ARG A 118 -6.56 -1.10 -8.40
CA ARG A 118 -6.56 -1.09 -8.40
C ARG A 118 -5.57 -2.18 -8.77
N VAL A 119 -6.09 -3.25 -9.38
CA VAL A 119 -5.27 -4.38 -9.83
C VAL A 119 -5.26 -4.37 -11.36
N TYR A 120 -4.07 -4.28 -11.92
CA TYR A 120 -3.86 -4.24 -13.37
C TYR A 120 -3.39 -5.62 -13.77
N LYS A 121 -4.25 -6.36 -14.47
CA LYS A 121 -4.02 -7.77 -14.72
C LYS A 121 -4.84 -8.24 -15.90
N ASP A 122 -4.20 -9.01 -16.77
CA ASP A 122 -4.86 -9.61 -17.94
C ASP A 122 -5.64 -8.59 -18.77
N GLY A 123 -5.05 -7.41 -18.94
CA GLY A 123 -5.64 -6.35 -19.75
C GLY A 123 -6.81 -5.60 -19.15
N LYS A 124 -7.07 -5.83 -17.85
CA LYS A 124 -8.19 -5.21 -17.16
C LYS A 124 -7.73 -4.53 -15.86
N VAL A 125 -8.47 -3.50 -15.43
CA VAL A 125 -8.24 -2.86 -14.14
C VAL A 125 -9.40 -3.23 -13.22
N TYR A 126 -9.08 -3.96 -12.16
CA TYR A 126 -10.07 -4.37 -11.17
C TYR A 126 -9.99 -3.39 -10.00
N TYR A 127 -11.14 -2.95 -9.52
CA TYR A 127 -11.17 -1.90 -8.53
C TYR A 127 -12.10 -2.25 -7.38
N GLN A 128 -11.64 -1.97 -6.15
CA GLN A 128 -12.49 -2.07 -4.98
C GLN A 128 -12.07 -0.99 -3.98
N GLU A 129 -13.05 -0.49 -3.23
CA GLU A 129 -12.80 0.51 -2.21
C GLU A 129 -13.45 0.09 -0.91
N TYR A 130 -12.90 0.59 0.19
CA TYR A 130 -13.35 0.28 1.54
C TYR A 130 -13.42 1.60 2.32
N ARG A 131 -14.29 1.66 3.33
CA ARG A 131 -14.38 2.84 4.20
C ARG A 131 -14.29 2.37 5.64
N ARG A 132 -13.27 2.85 6.36
CA ARG A 132 -12.98 2.36 7.73
C ARG A 132 -13.06 0.84 7.81
N GLY A 133 -12.50 0.22 6.78
CA GLY A 133 -12.35 -1.23 6.69
C GLY A 133 -13.51 -1.96 6.04
N ALA A 134 -14.66 -1.29 5.88
CA ALA A 134 -15.85 -1.94 5.32
C ALA A 134 -15.95 -1.82 3.81
N VAL A 135 -16.30 -2.92 3.15
CA VAL A 135 -16.40 -2.96 1.70
C VAL A 135 -17.46 -1.98 1.17
N VAL A 136 -17.11 -1.21 0.13
CA VAL A 136 -18.09 -0.35 -0.52
C VAL A 136 -18.93 -1.14 -1.53
N ASP A 137 -18.28 -1.81 -2.47
CA ASP A 137 -19.00 -2.58 -3.48
C ASP A 137 -18.14 -3.75 -3.91
N ASP A 138 -18.76 -4.71 -4.60
CA ASP A 138 -18.02 -5.85 -5.13
C ASP A 138 -16.95 -5.36 -6.10
N LEU A 139 -15.83 -6.10 -6.13
CA LEU A 139 -14.77 -5.88 -7.13
C LEU A 139 -15.37 -5.74 -8.52
N LYS A 140 -14.92 -4.74 -9.26
CA LYS A 140 -15.46 -4.42 -10.58
C LYS A 140 -14.33 -4.11 -11.55
N VAL A 141 -14.50 -4.51 -12.81
CA VAL A 141 -13.59 -4.06 -13.87
C VAL A 141 -14.01 -2.65 -14.27
N ILE A 142 -13.10 -1.70 -14.17
CA ILE A 142 -13.42 -0.30 -14.43
C ILE A 142 -12.81 0.26 -15.72
N GLU A 143 -11.74 -0.38 -16.19
CA GLU A 143 -11.00 0.10 -17.36
C GLU A 143 -10.27 -1.08 -18.01
N GLU A 144 -9.79 -0.88 -19.22
CA GLU A 144 -8.81 -1.78 -19.81
C GLU A 144 -7.42 -1.20 -19.62
N THR A 145 -6.40 -2.04 -19.73
CA THR A 145 -5.04 -1.61 -19.46
C THR A 145 -4.05 -2.51 -20.19
N ASP A 146 -2.85 -1.97 -20.41
CA ASP A 146 -1.74 -2.71 -20.96
C ASP A 146 -0.65 -2.95 -19.91
N ARG A 147 -0.85 -2.44 -18.71
CA ARG A 147 0.16 -2.66 -17.69
C ARG A 147 -0.28 -3.73 -16.69
N HIS A 148 0.66 -4.12 -15.83
CA HIS A 148 0.36 -5.05 -14.74
C HIS A 148 0.90 -4.52 -13.45
N GLY A 149 0.22 -4.82 -12.36
CA GLY A 149 0.69 -4.38 -11.05
C GLY A 149 -0.45 -4.05 -10.12
N THR A 150 -0.10 -3.60 -8.93
CA THR A 150 -1.10 -3.21 -7.95
C THR A 150 -0.86 -1.77 -7.50
N THR A 151 -1.96 -1.03 -7.36
CA THR A 151 -1.95 0.31 -6.77
C THR A 151 -2.89 0.38 -5.57
N VAL A 152 -2.32 0.75 -4.42
CA VAL A 152 -3.07 0.91 -3.18
C VAL A 152 -2.95 2.36 -2.74
N HIS A 153 -4.10 2.99 -2.50
CA HIS A 153 -4.16 4.35 -1.96
C HIS A 153 -5.00 4.36 -0.70
N PHE A 154 -4.49 4.98 0.36
CA PHE A 154 -5.20 5.04 1.61
C PHE A 154 -5.08 6.39 2.32
N ILE A 155 -6.11 6.74 3.08
CA ILE A 155 -6.18 7.97 3.83
C ILE A 155 -6.23 7.55 5.30
N PRO A 156 -5.11 7.70 6.04
CA PRO A 156 -5.12 7.31 7.45
C PRO A 156 -6.23 7.99 8.26
N ASP A 157 -6.82 7.24 9.19
CA ASP A 157 -7.97 7.76 9.95
C ASP A 157 -7.54 8.66 11.11
N PRO A 158 -7.90 9.98 11.07
CA PRO A 158 -7.60 10.83 12.22
C PRO A 158 -8.33 10.46 13.51
N GLU A 159 -9.36 9.61 13.43
CA GLU A 159 -9.99 9.06 14.64
C GLU A 159 -9.05 8.12 15.36
N ILE A 160 -8.12 7.53 14.60
CA ILE A 160 -7.13 6.61 15.12
C ILE A 160 -5.85 7.40 15.43
N PHE A 161 -5.38 8.16 14.44
CA PHE A 161 -4.12 8.88 14.55
C PHE A 161 -4.43 10.29 15.01
N THR A 162 -4.70 10.39 16.31
CA THR A 162 -5.22 11.62 16.92
C THR A 162 -4.12 12.66 17.18
N GLU A 163 -2.89 12.20 17.29
CA GLU A 163 -1.72 13.07 17.51
C GLU A 163 -1.31 13.81 16.23
N THR A 164 -1.15 13.07 15.13
CA THR A 164 -0.79 13.65 13.85
C THR A 164 -1.19 12.73 12.69
N THR A 165 -1.66 13.34 11.60
CA THR A 165 -1.84 12.62 10.35
C THR A 165 -0.93 13.21 9.26
N VAL A 166 0.11 13.93 9.69
CA VAL A 166 1.03 14.59 8.74
C VAL A 166 2.31 13.75 8.54
N TYR A 167 2.58 13.38 7.29
CA TYR A 167 3.75 12.57 6.96
C TYR A 167 5.07 13.34 6.96
N ASP A 168 6.13 12.62 7.29
CA ASP A 168 7.49 13.16 7.32
C ASP A 168 8.23 12.61 6.10
N PHE A 169 8.42 13.46 5.08
CA PHE A 169 9.09 13.05 3.84
C PHE A 169 10.50 12.51 4.07
N ASP A 170 11.29 13.21 4.89
CA ASP A 170 12.65 12.75 5.19
C ASP A 170 12.67 11.35 5.82
N LYS A 171 11.76 11.12 6.77
CA LYS A 171 11.63 9.82 7.45
C LYS A 171 11.33 8.71 6.43
N LEU A 172 10.35 8.96 5.56
CA LEU A 172 9.99 8.00 4.52
C LEU A 172 11.14 7.75 3.55
N ALA A 173 11.76 8.85 3.11
CA ALA A 173 12.86 8.78 2.14
C ALA A 173 14.04 7.98 2.71
N THR A 174 14.34 8.21 3.99
CA THR A 174 15.45 7.50 4.64
C THR A 174 15.25 5.99 4.55
N ARG A 175 14.05 5.53 4.90
CA ARG A 175 13.73 4.11 4.86
C ARG A 175 13.60 3.58 3.43
N VAL A 176 13.05 4.37 2.51
CA VAL A 176 12.96 3.96 1.10
C VAL A 176 14.38 3.68 0.55
N ARG A 177 15.33 4.56 0.89
CA ARG A 177 16.73 4.38 0.49
C ARG A 177 17.28 3.06 1.06
N GLU A 178 17.01 2.81 2.35
CA GLU A 178 17.44 1.58 3.02
C GLU A 178 16.84 0.35 2.33
N LEU A 179 15.55 0.42 2.00
CA LEU A 179 14.88 -0.67 1.29
C LEU A 179 15.46 -0.91 -0.12
N ALA A 180 15.83 0.15 -0.82
CA ALA A 180 16.48 0.00 -2.13
C ALA A 180 17.80 -0.76 -1.96
N PHE A 181 18.57 -0.40 -0.93
CA PHE A 181 19.84 -1.06 -0.67
C PHE A 181 19.67 -2.54 -0.31
N LEU A 182 18.73 -2.82 0.58
CA LEU A 182 18.48 -4.19 1.06
C LEU A 182 17.87 -5.07 -0.04
N ASN A 183 17.26 -4.42 -1.02
CA ASN A 183 16.66 -5.12 -2.15
C ASN A 183 17.37 -4.73 -3.45
N ARG A 184 18.69 -4.76 -3.42
CA ARG A 184 19.53 -4.36 -4.53
C ARG A 184 18.96 -4.84 -5.86
N GLY A 185 18.79 -3.89 -6.78
CA GLY A 185 18.20 -4.16 -8.11
C GLY A 185 16.85 -3.49 -8.25
N LEU A 186 16.13 -3.39 -7.14
CA LEU A 186 14.84 -2.70 -7.10
C LEU A 186 14.96 -1.22 -7.41
N HIS A 187 14.02 -0.72 -8.21
CA HIS A 187 13.81 0.72 -8.32
C HIS A 187 12.73 1.09 -7.33
N ILE A 188 13.03 2.03 -6.44
CA ILE A 188 12.01 2.53 -5.52
C ILE A 188 12.13 4.05 -5.36
N SER A 189 10.99 4.74 -5.40
CA SER A 189 11.01 6.18 -5.25
C SER A 189 10.03 6.65 -4.17
N ILE A 190 10.28 7.85 -3.67
CA ILE A 190 9.40 8.54 -2.73
C ILE A 190 9.12 9.94 -3.30
N GLU A 191 7.85 10.33 -3.30
CA GLU A 191 7.43 11.62 -3.85
C GLU A 191 6.53 12.38 -2.88
N ASP A 192 6.81 13.66 -2.72
CA ASP A 192 5.96 14.52 -1.92
C ASP A 192 5.22 15.45 -2.88
N ARG A 193 3.88 15.40 -2.84
CA ARG A 193 3.04 16.28 -3.67
C ARG A 193 2.42 17.42 -2.86
N ARG A 194 2.84 17.59 -1.61
CA ARG A 194 2.20 18.59 -0.76
C ARG A 194 2.65 20.01 -1.12
N GLU A 195 1.74 20.96 -0.89
CA GLU A 195 1.90 22.37 -1.27
C GLU A 195 3.22 22.98 -0.76
N GLY A 196 3.97 23.62 -1.66
CA GLY A 196 5.18 24.36 -1.30
C GLY A 196 6.41 23.52 -0.94
N GLN A 197 6.34 22.21 -1.16
CA GLN A 197 7.43 21.32 -0.75
C GLN A 197 7.56 20.09 -1.65
N GLU A 198 6.98 20.19 -2.84
CA GLU A 198 7.05 19.09 -3.80
C GLU A 198 8.49 18.61 -4.03
N ASP A 199 8.69 17.30 -3.98
CA ASP A 199 10.04 16.73 -4.07
C ASP A 199 9.88 15.28 -4.50
N LYS A 200 10.95 14.71 -5.06
CA LYS A 200 10.96 13.30 -5.44
C LYS A 200 12.38 12.79 -5.36
N LYS A 201 12.57 11.63 -4.76
CA LYS A 201 13.87 10.98 -4.71
C LYS A 201 13.69 9.56 -5.22
N GLU A 202 14.57 9.18 -6.15
CA GLU A 202 14.53 7.85 -6.76
C GLU A 202 15.79 7.09 -6.38
N TYR A 203 15.63 5.83 -5.99
CA TYR A 203 16.76 5.01 -5.55
C TYR A 203 16.83 3.73 -6.34
N HIS A 204 18.05 3.34 -6.69
CA HIS A 204 18.30 2.08 -7.41
C HIS A 204 19.74 1.74 -7.26
N TYR A 205 20.00 0.65 -6.54
CA TYR A 205 21.33 0.06 -6.45
C TYR A 205 21.46 -1.04 -7.51
N GLU A 206 22.58 -1.00 -8.24
CA GLU A 206 22.76 -1.91 -9.38
C GLU A 206 23.18 -3.30 -8.96
N GLY A 207 22.77 -4.29 -9.74
CA GLY A 207 23.19 -5.68 -9.53
C GLY A 207 24.45 -6.00 -10.31
N LEU A 208 24.47 -7.18 -10.94
CA LEU A 208 25.66 -7.65 -11.66
C LEU A 208 26.03 -6.83 -12.89
N GLU A 209 25.07 -6.05 -13.40
CA GLU A 209 25.30 -5.18 -14.55
C GLU A 209 26.26 -4.00 -14.24
N HIS A 210 26.54 -3.78 -12.96
CA HIS A 210 27.36 -2.66 -12.51
C HIS A 210 28.77 -2.66 -13.06
#